data_8ROH
#
_entry.id   8ROH
#
_cell.length_a   90.789
_cell.length_b   90.789
_cell.length_c   236.872
_cell.angle_alpha   90.000
_cell.angle_beta   90.000
_cell.angle_gamma   90.000
#
_symmetry.space_group_name_H-M   'P 41 21 2'
#
loop_
_entity.id
_entity.type
_entity.pdbx_description
1 polymer 'Structural maintenance of chromosomes protein 3'
2 polymer 'Double-strand-break repair protein rad21 homolog'
3 non-polymer 'SULFATE ION'
4 non-polymer GLYCEROL
5 water water
#
loop_
_entity_poly.entity_id
_entity_poly.type
_entity_poly.pdbx_seq_one_letter_code
_entity_poly.pdbx_strand_id
1 'polypeptide(L)'
;MYIKQVIIQGFRSYRDQTIVDPFSSKHNVIVGRNGSGKSNFFYAIQFVLSDEFSHLRPEQRLALLHEGTGPRVISAFVEI
IFDNSDNRLPIDKEEVSLRRVIGAKKDQYFLDKKMVTKNDVMNLLESAGFSRSNPYYIVKQGKINQMATAPDSQRLKLLR
EVAGTRVYDERKEESISLMKETEGKREKINELLKYIEERLHTLEEEKEELAQYQKWDKMGSGSLVPRGSGSQCNTELKKY
SHVNKKALDQFVNFSEQKEKLIKRQEELDRGYKSIMELMNVLELRKYEAIQLTFKQVSKNFSEVFQKLVPGGKATLVMKK
GDVEGSQSQDEGEGSGESERGSGSQSSVPSVDQFTGVGIRVSFTGKQGEMREMQQLSGGQKSLVALALIFAIQKCDPAPF
YLFDQIDQALDAQHRKAVSDMIMELAVHAQFITTTFRPELLESADKFYGVKFRNKVSHIDVITAEMAKDFVEDDTTHG
;
A
2 'polypeptide(L)'
;MFYAHFVLSKRGPLAKIWLAAHWDKKLTKAHVFECNLESSVESIISPKVKMALRTSGHLLLGVVRIYHRKAKYLLADCNE
AFIKIKMAFRPGVVDLPEENREGSLEVLFQ
;
B
#
loop_
_chem_comp.id
_chem_comp.type
_chem_comp.name
_chem_comp.formula
GOL non-polymer GLYCEROL 'C3 H8 O3'
SO4 non-polymer 'SULFATE ION' 'O4 S -2'
#
# COMPACT_ATOMS: atom_id res chain seq x y z
N MET A 1 -9.26 7.52 -6.40
CA MET A 1 -9.04 6.12 -6.75
C MET A 1 -10.14 5.23 -6.22
N TYR A 2 -10.90 4.61 -7.12
CA TYR A 2 -11.88 3.64 -6.70
C TYR A 2 -11.96 2.59 -7.79
N ILE A 3 -12.66 1.50 -7.47
CA ILE A 3 -12.93 0.45 -8.45
C ILE A 3 -14.07 0.92 -9.34
N LYS A 4 -13.77 1.16 -10.61
CA LYS A 4 -14.72 1.61 -11.60
C LYS A 4 -15.44 0.44 -12.25
N GLN A 5 -14.72 -0.63 -12.57
CA GLN A 5 -15.34 -1.78 -13.19
C GLN A 5 -14.56 -3.03 -12.83
N VAL A 6 -15.26 -4.17 -12.84
CA VAL A 6 -14.69 -5.48 -12.63
C VAL A 6 -15.10 -6.36 -13.79
N ILE A 7 -14.17 -7.13 -14.32
CA ILE A 7 -14.49 -8.15 -15.31
C ILE A 7 -13.93 -9.46 -14.81
N ILE A 8 -14.76 -10.50 -14.85
CA ILE A 8 -14.41 -11.84 -14.37
C ILE A 8 -14.68 -12.82 -15.51
N GLN A 9 -13.82 -13.83 -15.65
CA GLN A 9 -14.10 -14.94 -16.55
C GLN A 9 -13.43 -16.20 -16.04
N GLY A 10 -14.19 -17.30 -15.98
CA GLY A 10 -13.65 -18.58 -15.58
C GLY A 10 -13.28 -18.72 -14.12
N PHE A 11 -13.70 -17.79 -13.26
CA PHE A 11 -13.28 -17.75 -11.87
C PHE A 11 -14.40 -18.29 -10.99
N ARG A 12 -14.12 -19.37 -10.27
CA ARG A 12 -15.13 -20.06 -9.47
C ARG A 12 -16.43 -20.20 -10.26
N SER A 13 -17.55 -19.74 -9.69
CA SER A 13 -18.82 -19.89 -10.39
C SER A 13 -18.97 -18.98 -11.61
N TYR A 14 -18.08 -18.01 -11.83
CA TYR A 14 -18.24 -17.06 -12.93
C TYR A 14 -17.55 -17.63 -14.18
N ARG A 15 -18.20 -18.65 -14.74
CA ARG A 15 -17.66 -19.33 -15.91
C ARG A 15 -17.53 -18.38 -17.09
N ASP A 16 -18.56 -17.60 -17.36
CA ASP A 16 -18.64 -16.85 -18.59
C ASP A 16 -18.10 -15.44 -18.36
N GLN A 17 -17.84 -14.74 -19.45
CA GLN A 17 -17.29 -13.40 -19.32
C GLN A 17 -18.34 -12.51 -18.68
N THR A 18 -18.09 -12.14 -17.45
CA THR A 18 -18.99 -11.32 -16.65
C THR A 18 -18.41 -9.90 -16.61
N ILE A 19 -18.97 -9.01 -17.43
CA ILE A 19 -18.59 -7.59 -17.41
C ILE A 19 -19.52 -6.88 -16.46
N VAL A 20 -19.07 -6.66 -15.21
CA VAL A 20 -19.96 -6.06 -14.24
C VAL A 20 -20.17 -4.58 -14.59
N ASP A 21 -21.41 -4.14 -14.46
CA ASP A 21 -21.71 -2.76 -14.80
C ASP A 21 -20.90 -1.85 -13.88
N PRO A 22 -20.41 -0.71 -14.37
CA PRO A 22 -19.46 0.10 -13.59
C PRO A 22 -20.05 0.59 -12.28
N PHE A 23 -19.26 0.45 -11.21
CA PHE A 23 -19.73 0.79 -9.88
C PHE A 23 -19.89 2.29 -9.67
N SER A 24 -20.80 2.65 -8.77
CA SER A 24 -20.86 4.01 -8.25
C SER A 24 -19.63 4.28 -7.40
N SER A 25 -19.21 5.55 -7.35
CA SER A 25 -18.06 5.90 -6.51
C SER A 25 -18.41 5.85 -5.04
N LYS A 26 -19.69 5.68 -4.72
CA LYS A 26 -20.17 5.59 -3.34
C LYS A 26 -20.45 4.15 -2.91
N HIS A 27 -21.70 3.82 -2.57
CA HIS A 27 -22.03 2.53 -1.93
C HIS A 27 -22.74 1.60 -2.92
N ASN A 28 -22.08 0.48 -3.25
CA ASN A 28 -22.66 -0.56 -4.09
C ASN A 28 -22.96 -1.76 -3.22
N VAL A 29 -24.18 -2.28 -3.34
CA VAL A 29 -24.63 -3.39 -2.52
C VAL A 29 -25.10 -4.51 -3.42
N ILE A 30 -24.72 -5.73 -3.07
CA ILE A 30 -24.98 -6.91 -3.86
C ILE A 30 -25.84 -7.87 -3.03
N VAL A 31 -26.94 -8.34 -3.60
CA VAL A 31 -27.87 -9.25 -2.94
C VAL A 31 -28.09 -10.46 -3.83
N GLY A 32 -28.58 -11.53 -3.24
CA GLY A 32 -28.79 -12.74 -4.01
C GLY A 32 -28.99 -13.96 -3.12
N ARG A 33 -29.51 -15.02 -3.72
CA ARG A 33 -29.84 -16.19 -2.93
C ARG A 33 -28.60 -16.78 -2.28
N ASN A 34 -28.80 -17.47 -1.16
CA ASN A 34 -27.69 -18.06 -0.44
C ASN A 34 -27.00 -19.09 -1.33
N GLY A 35 -25.68 -18.95 -1.47
CA GLY A 35 -24.93 -19.82 -2.35
C GLY A 35 -24.99 -19.51 -3.83
N SER A 36 -25.41 -18.30 -4.21
CA SER A 36 -25.50 -17.93 -5.62
C SER A 36 -24.21 -17.36 -6.19
N GLY A 37 -23.19 -17.13 -5.35
CA GLY A 37 -21.89 -16.71 -5.81
C GLY A 37 -21.48 -15.31 -5.41
N LYS A 38 -22.03 -14.79 -4.32
CA LYS A 38 -21.70 -13.45 -3.89
C LYS A 38 -20.31 -13.39 -3.29
N SER A 39 -19.97 -14.35 -2.42
CA SER A 39 -18.64 -14.37 -1.85
C SER A 39 -17.58 -14.62 -2.91
N ASN A 40 -17.89 -15.45 -3.90
CA ASN A 40 -17.04 -15.59 -5.07
C ASN A 40 -16.76 -14.26 -5.71
N PHE A 41 -17.71 -13.32 -5.68
CA PHE A 41 -17.44 -12.03 -6.29
C PHE A 41 -16.35 -11.28 -5.53
N PHE A 42 -16.35 -11.34 -4.21
CA PHE A 42 -15.29 -10.70 -3.46
C PHE A 42 -13.98 -11.47 -3.60
N TYR A 43 -14.03 -12.79 -3.71
CA TYR A 43 -12.79 -13.53 -3.93
C TYR A 43 -12.15 -13.13 -5.23
N ALA A 44 -12.96 -12.83 -6.25
CA ALA A 44 -12.39 -12.42 -7.52
C ALA A 44 -11.62 -11.12 -7.38
N ILE A 45 -12.13 -10.20 -6.57
CA ILE A 45 -11.41 -8.95 -6.35
C ILE A 45 -10.18 -9.20 -5.51
N GLN A 46 -10.33 -9.92 -4.40
CA GLN A 46 -9.18 -10.27 -3.59
C GLN A 46 -8.14 -11.04 -4.39
N PHE A 47 -8.57 -11.82 -5.38
CA PHE A 47 -7.61 -12.54 -6.20
C PHE A 47 -6.65 -11.56 -6.90
N VAL A 48 -7.16 -10.42 -7.35
CA VAL A 48 -6.33 -9.42 -8.00
C VAL A 48 -5.59 -8.55 -6.99
N LEU A 49 -6.26 -8.08 -5.93
CA LEU A 49 -5.72 -7.00 -5.10
C LEU A 49 -5.13 -7.44 -3.78
N SER A 50 -5.56 -8.58 -3.24
CA SER A 50 -5.21 -8.97 -1.89
C SER A 50 -3.93 -9.79 -1.87
N ASP A 51 -3.08 -9.49 -0.92
CA ASP A 51 -1.78 -10.13 -0.91
C ASP A 51 -1.87 -11.56 -0.42
N GLU A 52 -2.93 -11.90 0.32
CA GLU A 52 -3.09 -13.28 0.76
C GLU A 52 -3.32 -14.23 -0.40
N PHE A 53 -3.75 -13.72 -1.55
CA PHE A 53 -3.82 -14.53 -2.76
C PHE A 53 -2.61 -14.35 -3.65
N SER A 54 -1.53 -13.76 -3.15
CA SER A 54 -0.47 -13.43 -4.07
C SER A 54 0.33 -14.66 -4.46
N HIS A 55 0.62 -15.51 -3.49
CA HIS A 55 1.30 -16.77 -3.74
C HIS A 55 0.28 -17.90 -3.76
N LEU A 56 0.15 -18.55 -4.92
CA LEU A 56 -0.77 -19.64 -5.12
C LEU A 56 0.01 -20.84 -5.61
N ARG A 57 0.03 -21.92 -4.83
CA ARG A 57 0.54 -23.17 -5.36
C ARG A 57 -0.23 -23.55 -6.62
N PRO A 58 0.38 -24.37 -7.48
CA PRO A 58 -0.36 -24.79 -8.68
C PRO A 58 -1.67 -25.50 -8.36
N GLU A 59 -1.75 -26.24 -7.25
CA GLU A 59 -3.04 -26.84 -6.89
C GLU A 59 -4.03 -25.79 -6.43
N GLN A 60 -3.56 -24.74 -5.76
CA GLN A 60 -4.45 -23.67 -5.33
C GLN A 60 -4.89 -22.84 -6.52
N ARG A 61 -3.96 -22.53 -7.42
CA ARG A 61 -4.32 -21.86 -8.66
C ARG A 61 -5.43 -22.61 -9.40
N LEU A 62 -5.32 -23.93 -9.49
CA LEU A 62 -6.29 -24.71 -10.25
C LEU A 62 -7.67 -24.72 -9.58
N ALA A 63 -7.71 -24.72 -8.24
CA ALA A 63 -8.99 -24.75 -7.55
C ALA A 63 -9.82 -23.49 -7.76
N LEU A 64 -9.24 -22.43 -8.31
CA LEU A 64 -9.97 -21.22 -8.67
C LEU A 64 -10.56 -21.29 -10.07
N LEU A 65 -10.17 -22.27 -10.86
CA LEU A 65 -10.78 -22.40 -12.17
C LEU A 65 -12.20 -22.92 -12.02
N HIS A 66 -13.03 -22.60 -12.98
CA HIS A 66 -14.41 -23.04 -12.93
C HIS A 66 -14.45 -24.52 -13.26
N GLU A 67 -14.96 -25.32 -12.34
CA GLU A 67 -15.22 -26.74 -12.53
C GLU A 67 -16.70 -26.97 -12.30
N GLY A 68 -17.54 -26.39 -13.17
CA GLY A 68 -18.96 -26.36 -12.90
C GLY A 68 -19.74 -27.42 -13.63
N THR A 69 -19.35 -27.68 -14.88
CA THR A 69 -20.07 -28.63 -15.73
C THR A 69 -19.21 -29.09 -16.89
N GLY A 70 -19.56 -28.69 -18.11
CA GLY A 70 -19.04 -29.28 -19.33
C GLY A 70 -17.56 -29.10 -19.57
N PRO A 71 -17.22 -28.34 -20.64
CA PRO A 71 -15.80 -28.17 -21.01
C PRO A 71 -14.97 -27.53 -19.91
N ARG A 72 -14.41 -28.36 -19.01
CA ARG A 72 -13.74 -27.87 -17.82
C ARG A 72 -12.66 -26.86 -18.17
N VAL A 73 -12.63 -25.80 -17.39
CA VAL A 73 -12.03 -24.54 -17.80
C VAL A 73 -10.52 -24.61 -17.59
N ILE A 74 -9.76 -24.03 -18.51
CA ILE A 74 -8.30 -24.06 -18.43
C ILE A 74 -7.68 -22.71 -18.22
N SER A 75 -8.48 -21.65 -18.20
CA SER A 75 -7.93 -20.34 -17.97
C SER A 75 -9.00 -19.47 -17.31
N ALA A 76 -8.56 -18.61 -16.40
CA ALA A 76 -9.41 -17.59 -15.80
C ALA A 76 -8.66 -16.27 -15.74
N PHE A 77 -9.41 -15.17 -15.66
CA PHE A 77 -8.82 -13.87 -15.39
C PHE A 77 -9.83 -13.04 -14.63
N VAL A 78 -9.33 -12.09 -13.85
CA VAL A 78 -10.14 -11.03 -13.25
C VAL A 78 -9.47 -9.70 -13.53
N GLU A 79 -10.26 -8.70 -13.88
CA GLU A 79 -9.70 -7.40 -14.22
C GLU A 79 -10.36 -6.35 -13.37
N ILE A 80 -9.56 -5.62 -12.57
CA ILE A 80 -10.00 -4.40 -11.91
C ILE A 80 -9.66 -3.21 -12.80
N ILE A 81 -10.65 -2.39 -13.09
CA ILE A 81 -10.39 -1.09 -13.70
C ILE A 81 -10.56 -0.04 -12.62
N PHE A 82 -9.48 0.66 -12.32
CA PHE A 82 -9.54 1.73 -11.34
C PHE A 82 -9.83 3.06 -12.03
N ASP A 83 -10.70 3.85 -11.41
CA ASP A 83 -10.64 5.28 -11.66
C ASP A 83 -9.42 5.83 -10.93
N ASN A 84 -8.58 6.58 -11.66
CA ASN A 84 -7.38 7.19 -11.08
C ASN A 84 -7.42 8.71 -11.23
N SER A 85 -8.58 9.31 -10.98
CA SER A 85 -8.70 10.76 -11.12
C SER A 85 -7.82 11.51 -10.13
N ASP A 86 -7.89 11.15 -8.86
CA ASP A 86 -7.08 11.82 -7.86
C ASP A 86 -5.61 11.41 -7.94
N ASN A 87 -5.21 10.80 -9.06
CA ASN A 87 -3.85 10.38 -9.30
C ASN A 87 -3.14 9.77 -8.11
N ARG A 88 -3.85 8.88 -7.40
CA ARG A 88 -3.26 8.16 -6.29
C ARG A 88 -2.41 7.00 -6.77
N LEU A 89 -2.75 6.41 -7.88
CA LEU A 89 -1.88 5.42 -8.45
C LEU A 89 -0.77 6.13 -9.23
N PRO A 90 0.48 5.76 -9.01
CA PRO A 90 1.57 6.44 -9.70
C PRO A 90 1.63 6.07 -11.18
N ILE A 91 0.63 6.48 -11.94
CA ILE A 91 0.51 6.14 -13.35
C ILE A 91 -0.27 7.28 -14.00
N ASP A 92 0.32 7.92 -14.99
CA ASP A 92 -0.30 9.12 -15.54
C ASP A 92 -1.35 8.70 -16.57
N LYS A 93 -2.44 8.14 -16.02
CA LYS A 93 -3.63 7.77 -16.76
C LYS A 93 -4.84 8.07 -15.89
N GLU A 94 -5.96 8.44 -16.52
CA GLU A 94 -7.17 8.63 -15.75
C GLU A 94 -7.75 7.30 -15.30
N GLU A 95 -7.55 6.25 -16.11
CA GLU A 95 -8.07 4.91 -15.86
C GLU A 95 -6.89 3.94 -15.86
N VAL A 96 -6.81 3.11 -14.84
CA VAL A 96 -5.77 2.09 -14.77
C VAL A 96 -6.45 0.74 -14.68
N SER A 97 -6.00 -0.21 -15.49
CA SER A 97 -6.54 -1.54 -15.50
C SER A 97 -5.51 -2.54 -14.97
N LEU A 98 -5.95 -3.45 -14.12
CA LEU A 98 -5.07 -4.45 -13.53
C LEU A 98 -5.75 -5.80 -13.66
N ARG A 99 -5.19 -6.68 -14.49
CA ARG A 99 -5.76 -8.00 -14.75
C ARG A 99 -4.80 -9.06 -14.27
N ARG A 100 -5.31 -10.10 -13.63
CA ARG A 100 -4.53 -11.28 -13.31
C ARG A 100 -5.10 -12.46 -14.08
N VAL A 101 -4.24 -13.16 -14.84
CA VAL A 101 -4.63 -14.31 -15.63
C VAL A 101 -3.97 -15.56 -15.07
N ILE A 102 -4.74 -16.62 -14.92
CA ILE A 102 -4.23 -17.89 -14.44
C ILE A 102 -4.59 -18.99 -15.43
N GLY A 103 -3.70 -19.97 -15.53
CA GLY A 103 -3.99 -21.16 -16.30
C GLY A 103 -3.30 -22.33 -15.66
N ALA A 104 -3.23 -23.47 -16.36
CA ALA A 104 -2.59 -24.66 -15.81
C ALA A 104 -1.23 -24.33 -15.18
N LYS A 105 -0.39 -23.57 -15.90
CA LYS A 105 0.89 -23.23 -15.32
C LYS A 105 1.27 -21.78 -15.65
N LYS A 106 0.26 -20.92 -15.76
CA LYS A 106 0.41 -19.50 -16.00
C LYS A 106 -0.23 -18.76 -14.83
N ASP A 107 0.42 -17.69 -14.39
CA ASP A 107 -0.10 -16.84 -13.31
C ASP A 107 0.49 -15.44 -13.51
N GLN A 108 -0.18 -14.63 -14.32
CA GLN A 108 0.43 -13.42 -14.86
C GLN A 108 -0.47 -12.21 -14.58
N TYR A 109 0.13 -11.16 -14.01
CA TYR A 109 -0.49 -9.85 -13.92
C TYR A 109 -0.22 -9.00 -15.16
N PHE A 110 -1.18 -8.14 -15.47
CA PHE A 110 -1.11 -7.20 -16.57
C PHE A 110 -1.59 -5.84 -16.11
N LEU A 111 -0.74 -4.82 -16.27
CA LEU A 111 -1.06 -3.43 -15.97
C LEU A 111 -1.18 -2.70 -17.30
N ASP A 112 -2.38 -2.20 -17.60
CA ASP A 112 -2.68 -1.61 -18.90
C ASP A 112 -2.08 -2.44 -20.02
N LYS A 113 -2.47 -3.72 -20.05
CA LYS A 113 -2.12 -4.68 -21.08
C LYS A 113 -0.63 -5.03 -21.11
N LYS A 114 0.20 -4.49 -20.23
CA LYS A 114 1.63 -4.82 -20.20
C LYS A 114 1.96 -5.67 -19.00
N MET A 115 2.65 -6.79 -19.24
CA MET A 115 3.00 -7.69 -18.15
C MET A 115 3.78 -6.98 -17.08
N VAL A 116 3.51 -7.32 -15.82
CA VAL A 116 4.24 -6.81 -14.67
C VAL A 116 4.34 -7.93 -13.67
N THR A 117 5.22 -7.75 -12.70
CA THR A 117 5.48 -8.78 -11.73
C THR A 117 4.58 -8.61 -10.52
N LYS A 118 4.55 -9.65 -9.69
CA LYS A 118 3.78 -9.58 -8.45
C LYS A 118 4.32 -8.48 -7.55
N ASN A 119 5.64 -8.35 -7.44
CA ASN A 119 6.21 -7.26 -6.65
C ASN A 119 5.78 -5.92 -7.21
N ASP A 120 5.75 -5.77 -8.53
CA ASP A 120 5.24 -4.54 -9.12
C ASP A 120 3.85 -4.24 -8.59
N VAL A 121 2.97 -5.25 -8.58
CA VAL A 121 1.59 -4.99 -8.18
C VAL A 121 1.54 -4.64 -6.70
N MET A 122 2.33 -5.33 -5.88
CA MET A 122 2.40 -4.97 -4.47
C MET A 122 2.90 -3.53 -4.28
N ASN A 123 4.02 -3.18 -4.94
CA ASN A 123 4.52 -1.82 -4.78
C ASN A 123 3.57 -0.80 -5.37
N LEU A 124 2.91 -1.14 -6.48
CA LEU A 124 1.93 -0.22 -7.05
C LEU A 124 0.84 0.09 -6.05
N LEU A 125 0.31 -0.93 -5.37
CA LEU A 125 -0.77 -0.69 -4.43
C LEU A 125 -0.25 -0.09 -3.13
N GLU A 126 0.97 -0.44 -2.71
CA GLU A 126 1.54 0.16 -1.52
C GLU A 126 1.70 1.67 -1.68
N SER A 127 2.13 2.12 -2.86
CA SER A 127 2.35 3.54 -3.03
C SER A 127 1.06 4.31 -3.19
N ALA A 128 -0.07 3.61 -3.37
CA ALA A 128 -1.38 4.24 -3.39
C ALA A 128 -2.05 4.23 -2.02
N GLY A 129 -1.35 3.78 -0.99
CA GLY A 129 -1.86 3.80 0.36
C GLY A 129 -2.38 2.48 0.87
N PHE A 130 -2.32 1.43 0.06
CA PHE A 130 -2.81 0.11 0.46
C PHE A 130 -1.68 -0.66 1.13
N SER A 131 -1.64 -0.58 2.45
CA SER A 131 -0.57 -1.15 3.25
C SER A 131 -0.86 -2.62 3.52
N ARG A 132 0.09 -3.50 3.17
CA ARG A 132 0.04 -4.89 3.62
C ARG A 132 -0.04 -4.98 5.16
N SER A 133 0.22 -3.89 5.89
CA SER A 133 0.15 -3.94 7.34
C SER A 133 -1.27 -3.83 7.87
N ASN A 134 -2.24 -3.60 7.00
CA ASN A 134 -3.59 -3.28 7.41
C ASN A 134 -4.53 -4.33 6.86
N PRO A 135 -5.08 -5.21 7.67
CA PRO A 135 -5.80 -6.36 7.11
C PRO A 135 -7.27 -6.09 6.81
N TYR A 136 -7.69 -4.82 6.73
CA TYR A 136 -9.11 -4.49 6.79
C TYR A 136 -9.61 -3.71 5.60
N TYR A 137 -8.94 -3.81 4.46
CA TYR A 137 -9.51 -3.23 3.25
C TYR A 137 -10.64 -4.10 2.75
N ILE A 138 -10.63 -5.36 3.16
CA ILE A 138 -11.74 -6.31 3.03
C ILE A 138 -12.10 -6.76 4.43
N VAL A 139 -13.39 -6.73 4.76
CA VAL A 139 -13.88 -7.22 6.04
C VAL A 139 -14.93 -8.27 5.76
N LYS A 140 -14.79 -9.42 6.41
CA LYS A 140 -15.75 -10.51 6.39
C LYS A 140 -16.05 -10.89 7.84
N GLN A 141 -17.00 -11.82 8.03
CA GLN A 141 -17.28 -12.30 9.39
C GLN A 141 -16.04 -12.93 10.00
N GLY A 142 -15.23 -13.62 9.19
CA GLY A 142 -14.02 -14.24 9.69
C GLY A 142 -13.14 -13.26 10.44
N LYS A 143 -13.05 -12.03 9.93
CA LYS A 143 -12.20 -11.03 10.57
C LYS A 143 -12.83 -10.48 11.83
N ILE A 144 -14.13 -10.21 11.81
CA ILE A 144 -14.83 -9.66 12.97
C ILE A 144 -14.72 -10.62 14.15
N ASN A 145 -14.96 -11.90 13.91
CA ASN A 145 -14.82 -12.89 14.98
C ASN A 145 -13.37 -13.00 15.43
N GLN A 146 -12.43 -13.06 14.48
CA GLN A 146 -11.02 -13.12 14.84
C GLN A 146 -10.66 -11.98 15.77
N MET A 147 -11.21 -10.79 15.52
CA MET A 147 -10.95 -9.69 16.42
C MET A 147 -11.67 -9.88 17.76
N ALA A 148 -12.95 -10.22 17.72
CA ALA A 148 -13.75 -10.32 18.96
C ALA A 148 -13.19 -11.37 19.91
N THR A 149 -12.71 -12.48 19.37
CA THR A 149 -12.16 -13.56 20.19
C THR A 149 -10.64 -13.63 20.08
N ALA A 150 -9.95 -12.53 20.35
CA ALA A 150 -8.52 -12.64 20.24
C ALA A 150 -7.86 -12.33 21.57
N PRO A 151 -6.77 -13.00 21.92
CA PRO A 151 -6.04 -12.65 23.13
C PRO A 151 -5.58 -11.20 23.07
N ASP A 152 -5.54 -10.57 24.25
CA ASP A 152 -5.13 -9.18 24.30
C ASP A 152 -3.72 -8.98 23.75
N SER A 153 -2.88 -10.01 23.82
CA SER A 153 -1.57 -9.93 23.17
C SER A 153 -1.72 -9.82 21.66
N GLN A 154 -2.71 -10.53 21.10
CA GLN A 154 -2.91 -10.46 19.65
C GLN A 154 -3.41 -9.09 19.23
N ARG A 155 -4.35 -8.52 19.97
CA ARG A 155 -4.72 -7.14 19.71
C ARG A 155 -3.50 -6.23 19.70
N LEU A 156 -2.58 -6.43 20.64
CA LEU A 156 -1.37 -5.61 20.67
C LEU A 156 -0.50 -5.82 19.44
N LYS A 157 -0.22 -7.08 19.10
CA LYS A 157 0.58 -7.36 17.91
C LYS A 157 -0.02 -6.72 16.67
N LEU A 158 -1.35 -6.76 16.55
CA LEU A 158 -1.98 -6.21 15.36
C LEU A 158 -1.85 -4.70 15.32
N LEU A 159 -2.14 -4.03 16.44
CA LEU A 159 -2.05 -2.58 16.44
C LEU A 159 -0.62 -2.11 16.27
N ARG A 160 0.34 -2.82 16.87
CA ARG A 160 1.75 -2.50 16.66
C ARG A 160 2.10 -2.54 15.18
N GLU A 161 1.65 -3.59 14.48
CA GLU A 161 2.02 -3.72 13.07
C GLU A 161 1.35 -2.65 12.22
N VAL A 162 0.10 -2.31 12.54
CA VAL A 162 -0.60 -1.26 11.81
C VAL A 162 0.06 0.09 12.06
N ALA A 163 0.42 0.37 13.32
CA ALA A 163 1.19 1.56 13.63
C ALA A 163 2.47 1.59 12.82
N GLY A 164 3.06 0.43 12.56
CA GLY A 164 4.16 0.33 11.64
C GLY A 164 5.42 -0.26 12.21
N THR A 165 5.34 -0.99 13.32
CA THR A 165 6.57 -1.48 13.94
C THR A 165 7.28 -2.47 13.01
N ARG A 166 6.54 -3.37 12.36
CA ARG A 166 7.21 -4.34 11.49
C ARG A 166 7.76 -3.67 10.23
N VAL A 167 6.92 -2.88 9.55
CA VAL A 167 7.38 -2.11 8.40
C VAL A 167 8.66 -1.37 8.73
N TYR A 168 8.63 -0.59 9.81
CA TYR A 168 9.76 0.26 10.15
C TYR A 168 11.03 -0.54 10.37
N ASP A 169 10.98 -1.56 11.22
CA ASP A 169 12.17 -2.36 11.45
C ASP A 169 12.67 -3.03 10.17
N GLU A 170 11.77 -3.33 9.24
CA GLU A 170 12.22 -3.95 7.99
C GLU A 170 12.88 -2.93 7.05
N ARG A 171 12.31 -1.72 6.97
CA ARG A 171 12.91 -0.69 6.13
C ARG A 171 14.21 -0.19 6.73
N LYS A 172 14.27 -0.10 8.06
CA LYS A 172 15.50 0.27 8.74
C LYS A 172 16.62 -0.70 8.39
N GLU A 173 16.33 -2.00 8.39
CA GLU A 173 17.36 -2.98 8.10
C GLU A 173 17.80 -2.93 6.64
N GLU A 174 16.85 -2.74 5.72
CA GLU A 174 17.23 -2.66 4.32
C GLU A 174 18.00 -1.39 4.03
N SER A 175 17.63 -0.29 4.70
CA SER A 175 18.38 0.95 4.59
C SER A 175 19.84 0.76 5.00
N ILE A 176 20.07 0.19 6.19
CA ILE A 176 21.42 -0.06 6.66
C ILE A 176 22.21 -0.84 5.62
N SER A 177 21.64 -1.93 5.13
CA SER A 177 22.33 -2.75 4.15
C SER A 177 22.67 -1.94 2.91
N LEU A 178 21.79 -1.00 2.55
CA LEU A 178 22.07 -0.11 1.43
C LEU A 178 23.18 0.88 1.77
N MET A 179 23.16 1.46 2.98
CA MET A 179 24.20 2.42 3.35
C MET A 179 25.58 1.80 3.24
N LYS A 180 25.73 0.58 3.75
CA LYS A 180 27.05 -0.03 3.75
C LYS A 180 27.49 -0.40 2.34
N GLU A 181 26.57 -0.87 1.51
CA GLU A 181 26.89 -1.08 0.10
C GLU A 181 27.28 0.22 -0.58
N THR A 182 26.53 1.29 -0.31
CA THR A 182 26.90 2.61 -0.80
C THR A 182 28.25 3.04 -0.25
N GLU A 183 28.54 2.66 0.99
CA GLU A 183 29.81 3.06 1.61
C GLU A 183 31.01 2.52 0.85
N GLY A 184 30.83 1.49 0.04
CA GLY A 184 31.89 0.97 -0.79
C GLY A 184 32.01 1.77 -2.07
N LYS A 185 30.85 2.15 -2.63
CA LYS A 185 30.88 2.97 -3.82
C LYS A 185 31.53 4.32 -3.55
N ARG A 186 31.36 4.85 -2.34
CA ARG A 186 31.96 6.15 -2.04
C ARG A 186 33.47 6.06 -1.98
N GLU A 187 34.02 4.96 -1.47
CA GLU A 187 35.46 4.75 -1.44
C GLU A 187 36.02 4.60 -2.85
N LYS A 188 35.42 3.73 -3.65
CA LYS A 188 35.85 3.59 -5.02
C LYS A 188 35.76 4.93 -5.76
N ILE A 189 34.75 5.75 -5.42
CA ILE A 189 34.64 7.07 -6.04
C ILE A 189 35.80 7.95 -5.64
N ASN A 190 36.19 7.91 -4.36
CA ASN A 190 37.30 8.76 -3.93
C ASN A 190 38.63 8.24 -4.46
N GLU A 191 38.76 6.93 -4.61
CA GLU A 191 39.93 6.36 -5.28
C GLU A 191 40.09 6.98 -6.65
N LEU A 192 39.04 6.88 -7.47
CA LEU A 192 39.12 7.33 -8.86
C LEU A 192 39.43 8.82 -8.94
N LEU A 193 38.90 9.62 -8.03
CA LEU A 193 39.26 11.04 -8.01
C LEU A 193 40.71 11.25 -7.61
N LYS A 194 41.26 10.36 -6.77
CA LYS A 194 42.68 10.46 -6.49
C LYS A 194 43.51 10.06 -7.72
N TYR A 195 43.08 9.03 -8.46
CA TYR A 195 43.78 8.62 -9.66
C TYR A 195 43.70 9.69 -10.73
N ILE A 196 42.53 10.32 -10.90
CA ILE A 196 42.39 11.37 -11.89
C ILE A 196 43.30 12.55 -11.53
N GLU A 197 43.23 13.00 -10.27
CA GLU A 197 44.13 14.05 -9.81
C GLU A 197 45.58 13.72 -10.13
N GLU A 198 45.96 12.47 -9.93
CA GLU A 198 47.30 12.03 -10.29
C GLU A 198 47.63 12.39 -11.73
N ARG A 199 46.78 11.98 -12.68
CA ARG A 199 47.05 12.26 -14.09
C ARG A 199 47.02 13.74 -14.41
N LEU A 200 46.25 14.53 -13.66
CA LEU A 200 46.25 15.97 -13.87
C LEU A 200 47.57 16.59 -13.41
N HIS A 201 48.22 15.96 -12.45
CA HIS A 201 49.55 16.40 -12.06
C HIS A 201 50.58 15.96 -13.10
N THR A 202 50.57 14.69 -13.50
CA THR A 202 51.39 14.25 -14.63
C THR A 202 51.21 15.17 -15.82
N LEU A 203 49.96 15.41 -16.21
CA LEU A 203 49.67 16.22 -17.40
C LEU A 203 50.25 17.62 -17.29
N GLU A 204 49.99 18.28 -16.16
CA GLU A 204 50.39 19.67 -16.02
C GLU A 204 51.89 19.82 -16.21
N GLU A 205 52.67 18.87 -15.72
CA GLU A 205 54.11 19.02 -15.75
C GLU A 205 54.75 18.52 -17.03
N GLU A 206 54.08 17.64 -17.78
CA GLU A 206 54.43 17.48 -19.18
C GLU A 206 54.04 18.72 -19.97
N LYS A 207 52.87 19.27 -19.68
CA LYS A 207 52.45 20.53 -20.29
C LYS A 207 53.46 21.63 -20.05
N GLU A 208 54.01 21.71 -18.82
CA GLU A 208 55.04 22.71 -18.52
C GLU A 208 56.35 22.40 -19.23
N GLU A 209 56.75 21.12 -19.26
CA GLU A 209 58.00 20.72 -19.90
C GLU A 209 58.04 21.12 -21.37
N LEU A 210 56.88 21.16 -22.03
CA LEU A 210 56.83 21.54 -23.44
C LEU A 210 56.84 23.05 -23.64
N ALA A 211 56.42 23.82 -22.64
CA ALA A 211 56.35 25.28 -22.81
C ALA A 211 57.74 25.92 -22.79
N GLN A 212 58.69 25.33 -22.06
CA GLN A 212 60.07 25.81 -22.10
C GLN A 212 60.62 25.77 -23.52
N TYR A 213 60.37 24.68 -24.23
CA TYR A 213 60.73 24.57 -25.64
C TYR A 213 60.07 25.67 -26.48
N VAL A 243 52.81 11.17 -24.72
CA VAL A 243 51.51 11.71 -24.33
C VAL A 243 50.85 12.42 -25.50
N ASN A 244 49.69 11.92 -25.92
CA ASN A 244 49.04 12.48 -27.10
C ASN A 244 48.64 13.93 -26.85
N LYS A 245 48.67 14.74 -27.92
CA LYS A 245 48.27 16.14 -27.82
C LYS A 245 46.83 16.28 -27.37
N LYS A 246 46.01 15.25 -27.61
CA LYS A 246 44.62 15.31 -27.16
C LYS A 246 44.53 15.47 -25.65
N ALA A 247 45.31 14.68 -24.91
CA ALA A 247 45.28 14.83 -23.45
C ALA A 247 45.80 16.20 -23.05
N LEU A 248 46.81 16.70 -23.75
CA LEU A 248 47.33 18.03 -23.47
C LEU A 248 46.36 19.10 -23.94
N ASP A 249 45.69 18.85 -25.06
CA ASP A 249 44.70 19.80 -25.59
C ASP A 249 43.57 20.00 -24.59
N GLN A 250 43.09 18.92 -23.98
CA GLN A 250 41.92 18.93 -23.12
C GLN A 250 42.26 18.97 -21.65
N PHE A 251 43.47 19.45 -21.30
CA PHE A 251 43.86 19.51 -19.90
C PHE A 251 42.89 20.36 -19.08
N VAL A 252 42.51 21.53 -19.60
CA VAL A 252 41.60 22.38 -18.83
C VAL A 252 40.21 21.73 -18.75
N ASN A 253 39.80 21.04 -19.82
CA ASN A 253 38.55 20.30 -19.80
C ASN A 253 38.54 19.24 -18.70
N PHE A 254 39.63 18.49 -18.56
CA PHE A 254 39.65 17.44 -17.53
C PHE A 254 39.61 18.04 -16.13
N SER A 255 40.36 19.12 -15.91
CA SER A 255 40.35 19.79 -14.62
C SER A 255 38.96 20.37 -14.29
N GLU A 256 38.28 20.94 -15.29
CA GLU A 256 36.91 21.41 -15.08
C GLU A 256 35.97 20.24 -14.76
N GLN A 257 36.13 19.13 -15.47
CA GLN A 257 35.28 17.97 -15.23
C GLN A 257 35.48 17.43 -13.83
N LYS A 258 36.71 17.46 -13.33
CA LYS A 258 36.98 16.87 -12.03
C LYS A 258 36.26 17.62 -10.94
N GLU A 259 36.13 18.95 -11.08
CA GLU A 259 35.44 19.70 -10.04
C GLU A 259 33.94 19.44 -10.07
N LYS A 260 33.38 19.24 -11.27
CA LYS A 260 31.99 18.81 -11.36
C LYS A 260 31.77 17.48 -10.65
N LEU A 261 32.68 16.52 -10.82
CA LEU A 261 32.60 15.30 -10.03
C LEU A 261 32.73 15.59 -8.53
N ILE A 262 33.66 16.47 -8.13
CA ILE A 262 33.81 16.78 -6.70
C ILE A 262 32.50 17.30 -6.12
N LYS A 263 31.85 18.24 -6.81
CA LYS A 263 30.62 18.82 -6.28
C LYS A 263 29.57 17.74 -6.05
N ARG A 264 29.50 16.77 -6.96
CA ARG A 264 28.56 15.66 -6.75
C ARG A 264 29.00 14.76 -5.60
N GLN A 265 30.31 14.51 -5.49
CA GLN A 265 30.83 13.80 -4.33
C GLN A 265 30.50 14.52 -3.03
N GLU A 266 30.56 15.86 -3.03
CA GLU A 266 30.19 16.60 -1.83
C GLU A 266 28.70 16.49 -1.54
N GLU A 267 27.87 16.45 -2.59
CA GLU A 267 26.45 16.22 -2.43
C GLU A 267 26.18 14.88 -1.75
N LEU A 268 26.99 13.86 -2.07
CA LEU A 268 26.84 12.58 -1.39
C LEU A 268 27.21 12.70 0.09
N ASP A 269 28.25 13.48 0.41
CA ASP A 269 28.68 13.61 1.79
C ASP A 269 27.68 14.39 2.63
N ARG A 270 27.12 15.47 2.10
CA ARG A 270 25.97 16.10 2.73
C ARG A 270 24.85 15.10 2.96
N GLY A 271 24.56 14.28 1.95
CA GLY A 271 23.44 13.37 2.06
C GLY A 271 23.67 12.31 3.12
N TYR A 272 24.90 11.83 3.22
CA TYR A 272 25.23 10.88 4.28
C TYR A 272 24.95 11.46 5.65
N LYS A 273 25.32 12.73 5.86
CA LYS A 273 25.05 13.38 7.14
C LYS A 273 23.56 13.55 7.38
N SER A 274 22.81 13.91 6.35
CA SER A 274 21.35 14.06 6.50
C SER A 274 20.70 12.73 6.87
N ILE A 275 21.15 11.63 6.28
CA ILE A 275 20.62 10.31 6.58
C ILE A 275 20.91 9.92 8.02
N MET A 276 22.16 10.10 8.46
CA MET A 276 22.49 9.78 9.84
C MET A 276 21.57 10.51 10.81
N GLU A 277 21.34 11.80 10.58
CA GLU A 277 20.39 12.52 11.43
C GLU A 277 19.02 11.87 11.37
N LEU A 278 18.54 11.59 10.15
CA LEU A 278 17.20 11.03 9.97
C LEU A 278 17.07 9.70 10.71
N MET A 279 17.98 8.75 10.46
CA MET A 279 17.94 7.46 11.14
C MET A 279 17.92 7.65 12.65
N ASN A 280 18.76 8.56 13.14
CA ASN A 280 18.85 8.81 14.57
C ASN A 280 17.53 9.38 15.10
N VAL A 281 16.98 10.36 14.40
CA VAL A 281 15.73 11.00 14.85
C VAL A 281 14.56 10.02 14.79
N LEU A 282 14.47 9.24 13.71
CA LEU A 282 13.41 8.22 13.63
C LEU A 282 13.52 7.22 14.79
N GLU A 283 14.74 6.76 15.09
CA GLU A 283 14.90 5.82 16.19
C GLU A 283 14.52 6.45 17.52
N LEU A 284 14.78 7.75 17.68
CA LEU A 284 14.50 8.41 18.95
C LEU A 284 13.03 8.77 19.11
N ARG A 285 12.25 8.77 18.02
CA ARG A 285 10.81 9.01 18.09
C ARG A 285 10.03 7.72 17.89
N LYS A 286 10.71 6.58 17.83
CA LYS A 286 10.10 5.28 17.61
C LYS A 286 8.84 5.09 18.45
N TYR A 287 8.95 5.29 19.75
CA TYR A 287 7.85 4.94 20.65
C TYR A 287 6.76 6.00 20.65
N GLU A 288 7.11 7.29 20.70
CA GLU A 288 6.05 8.28 20.67
C GLU A 288 5.27 8.24 19.38
N ALA A 289 5.88 7.76 18.29
CA ALA A 289 5.13 7.49 17.07
C ALA A 289 4.07 6.42 17.33
N ILE A 290 4.50 5.25 17.81
CA ILE A 290 3.59 4.16 18.11
C ILE A 290 2.54 4.61 19.13
N GLN A 291 2.98 5.27 20.19
CA GLN A 291 2.03 5.69 21.20
C GLN A 291 1.00 6.66 20.64
N LEU A 292 1.35 7.40 19.58
CA LEU A 292 0.39 8.33 19.03
C LEU A 292 -0.63 7.63 18.14
N THR A 293 -0.22 6.53 17.52
CA THR A 293 -1.16 5.73 16.74
C THR A 293 -2.12 4.98 17.66
N PHE A 294 -1.66 4.54 18.82
CA PHE A 294 -2.54 3.87 19.77
C PHE A 294 -3.55 4.84 20.36
N LYS A 295 -3.10 6.03 20.72
CA LYS A 295 -4.02 7.02 21.27
C LYS A 295 -5.08 7.40 20.26
N GLN A 296 -4.76 7.32 18.97
CA GLN A 296 -5.72 7.67 17.94
C GLN A 296 -6.77 6.58 17.76
N VAL A 297 -6.31 5.32 17.69
CA VAL A 297 -7.22 4.20 17.52
C VAL A 297 -8.20 4.13 18.67
N SER A 298 -7.68 4.26 19.90
CA SER A 298 -8.55 4.23 21.07
C SER A 298 -9.55 5.38 21.03
N LYS A 299 -9.08 6.59 20.76
CA LYS A 299 -10.00 7.71 20.63
C LYS A 299 -11.07 7.44 19.58
N ASN A 300 -10.68 6.77 18.49
CA ASN A 300 -11.65 6.44 17.45
C ASN A 300 -12.59 5.33 17.90
N PHE A 301 -12.05 4.38 18.65
CA PHE A 301 -12.89 3.28 19.11
C PHE A 301 -14.02 3.79 19.99
N SER A 302 -13.72 4.74 20.88
CA SER A 302 -14.76 5.36 21.67
C SER A 302 -15.74 6.13 20.80
N GLU A 303 -15.24 6.89 19.82
CA GLU A 303 -16.14 7.69 19.00
C GLU A 303 -17.00 6.80 18.10
N VAL A 304 -16.39 5.80 17.46
CA VAL A 304 -17.13 4.91 16.58
C VAL A 304 -18.25 4.22 17.35
N PHE A 305 -17.92 3.70 18.53
CA PHE A 305 -18.89 2.91 19.28
C PHE A 305 -20.03 3.78 19.78
N GLN A 306 -19.71 4.93 20.35
CA GLN A 306 -20.77 5.80 20.86
C GLN A 306 -21.71 6.22 19.75
N LYS A 307 -21.22 6.27 18.52
CA LYS A 307 -22.09 6.60 17.40
C LYS A 307 -22.94 5.40 16.99
N LEU A 308 -22.41 4.18 17.14
CA LEU A 308 -23.20 3.01 16.79
C LEU A 308 -24.13 2.60 17.92
N VAL A 309 -23.72 2.84 19.16
CA VAL A 309 -24.56 2.54 20.32
C VAL A 309 -24.73 3.86 21.07
N PRO A 310 -25.69 4.70 20.65
CA PRO A 310 -25.81 6.02 21.26
C PRO A 310 -26.08 5.89 22.76
N GLY A 311 -25.28 6.60 23.55
CA GLY A 311 -25.31 6.36 24.98
C GLY A 311 -24.67 5.04 25.32
N GLY A 312 -23.43 4.87 24.86
CA GLY A 312 -22.61 3.75 25.26
C GLY A 312 -21.19 4.23 25.44
N LYS A 313 -20.37 3.40 26.07
CA LYS A 313 -18.99 3.77 26.31
C LYS A 313 -18.07 2.60 26.02
N ALA A 314 -17.04 2.85 25.22
CA ALA A 314 -16.04 1.86 24.89
C ALA A 314 -14.66 2.50 24.98
N THR A 315 -13.65 1.70 25.30
CA THR A 315 -12.28 2.18 25.26
C THR A 315 -11.31 1.01 25.32
N LEU A 316 -10.12 1.23 24.76
CA LEU A 316 -9.06 0.24 24.82
C LEU A 316 -8.30 0.34 26.14
N VAL A 317 -7.65 -0.76 26.54
CA VAL A 317 -6.88 -0.80 27.78
C VAL A 317 -5.55 -1.49 27.51
N MET A 318 -4.47 -0.88 27.97
CA MET A 318 -3.14 -1.47 27.86
C MET A 318 -2.87 -2.33 29.08
N LYS A 319 -2.32 -3.51 28.87
CA LYS A 319 -2.29 -4.52 29.91
C LYS A 319 -0.87 -4.94 30.25
N LYS A 320 -0.76 -5.62 31.40
CA LYS A 320 0.48 -5.92 32.15
C LYS A 320 1.69 -5.12 31.70
N PHE A 354 4.81 -3.52 26.17
CA PHE A 354 3.77 -4.04 27.05
C PHE A 354 3.32 -5.42 26.60
N THR A 355 2.28 -5.95 27.26
CA THR A 355 1.89 -7.33 27.06
C THR A 355 0.64 -7.52 26.23
N GLY A 356 -0.34 -6.61 26.31
CA GLY A 356 -1.58 -6.83 25.58
C GLY A 356 -2.42 -5.57 25.52
N VAL A 357 -3.47 -5.64 24.69
CA VAL A 357 -4.46 -4.59 24.54
C VAL A 357 -5.84 -5.22 24.65
N GLY A 358 -6.66 -4.73 25.59
CA GLY A 358 -7.98 -5.26 25.81
C GLY A 358 -9.05 -4.22 25.51
N ILE A 359 -10.29 -4.67 25.51
CA ILE A 359 -11.44 -3.80 25.28
C ILE A 359 -12.31 -3.81 26.52
N ARG A 360 -12.84 -2.64 26.87
CA ARG A 360 -13.88 -2.52 27.88
C ARG A 360 -15.00 -1.67 27.32
N VAL A 361 -16.24 -2.12 27.52
CA VAL A 361 -17.39 -1.50 26.87
C VAL A 361 -18.58 -1.54 27.82
N SER A 362 -19.47 -0.57 27.64
CA SER A 362 -20.73 -0.48 28.39
C SER A 362 -21.79 0.04 27.44
N PHE A 363 -22.74 -0.83 27.06
CA PHE A 363 -23.85 -0.41 26.22
C PHE A 363 -24.78 0.54 26.96
N THR A 364 -24.69 0.60 28.28
CA THR A 364 -25.44 1.54 29.10
C THR A 364 -24.86 2.96 28.99
N GLY A 368 -22.42 2.85 33.10
CA GLY A 368 -21.28 3.43 33.78
C GLY A 368 -20.37 2.41 34.44
N GLU A 369 -20.71 1.14 34.28
CA GLU A 369 -19.92 0.02 34.80
C GLU A 369 -19.61 -0.91 33.62
N MET A 370 -18.35 -0.93 33.20
CA MET A 370 -17.97 -1.51 31.93
C MET A 370 -17.52 -2.95 32.09
N ARG A 371 -18.06 -3.83 31.26
CA ARG A 371 -17.67 -5.23 31.23
C ARG A 371 -16.67 -5.47 30.11
N GLU A 372 -16.04 -6.64 30.15
CA GLU A 372 -14.98 -6.99 29.21
C GLU A 372 -15.53 -7.72 28.00
N MET A 373 -14.63 -7.97 27.04
CA MET A 373 -15.03 -8.63 25.80
C MET A 373 -15.39 -10.09 26.05
N GLN A 374 -14.65 -10.75 26.95
CA GLN A 374 -14.94 -12.14 27.30
C GLN A 374 -16.42 -12.32 27.66
N GLN A 375 -16.85 -11.66 28.74
CA GLN A 375 -18.22 -11.78 29.23
C GLN A 375 -19.10 -10.75 28.51
N LEU A 376 -19.37 -11.04 27.22
CA LEU A 376 -20.17 -10.18 26.37
C LEU A 376 -21.03 -11.06 25.45
N SER A 377 -22.18 -10.52 25.04
CA SER A 377 -23.16 -11.27 24.25
C SER A 377 -22.62 -11.70 22.88
N GLY A 378 -23.45 -12.36 22.08
CA GLY A 378 -23.03 -12.75 20.74
C GLY A 378 -22.94 -11.57 19.79
N GLY A 379 -24.10 -11.07 19.35
CA GLY A 379 -24.17 -9.95 18.42
C GLY A 379 -23.80 -8.62 19.03
N GLN A 380 -23.16 -8.67 20.20
CA GLN A 380 -22.51 -7.52 20.84
C GLN A 380 -21.01 -7.59 20.72
N LYS A 381 -20.42 -8.76 21.01
CA LYS A 381 -19.02 -8.98 20.68
C LYS A 381 -18.76 -8.70 19.20
N SER A 382 -19.68 -9.12 18.33
CA SER A 382 -19.53 -8.84 16.91
C SER A 382 -19.60 -7.34 16.62
N LEU A 383 -20.54 -6.63 17.28
CA LEU A 383 -20.64 -5.20 17.02
C LEU A 383 -19.43 -4.44 17.57
N VAL A 384 -18.94 -4.82 18.75
CA VAL A 384 -17.80 -4.13 19.35
C VAL A 384 -16.54 -4.34 18.49
N ALA A 385 -16.24 -5.61 18.18
CA ALA A 385 -15.12 -5.92 17.29
C ALA A 385 -15.20 -5.13 15.99
N LEU A 386 -16.37 -5.12 15.36
CA LEU A 386 -16.56 -4.30 14.18
C LEU A 386 -16.27 -2.83 14.46
N ALA A 387 -16.70 -2.33 15.63
CA ALA A 387 -16.46 -0.93 15.94
C ALA A 387 -14.97 -0.64 16.05
N LEU A 388 -14.22 -1.60 16.58
CA LEU A 388 -12.77 -1.44 16.64
C LEU A 388 -12.16 -1.43 15.25
N ILE A 389 -12.59 -2.37 14.39
CA ILE A 389 -12.11 -2.40 13.02
C ILE A 389 -12.40 -1.09 12.32
N PHE A 390 -13.60 -0.54 12.53
CA PHE A 390 -13.93 0.76 11.95
C PHE A 390 -12.97 1.84 12.44
N ALA A 391 -12.56 1.76 13.70
CA ALA A 391 -11.69 2.78 14.26
C ALA A 391 -10.30 2.71 13.62
N ILE A 392 -9.75 1.51 13.49
CA ILE A 392 -8.46 1.34 12.82
C ILE A 392 -8.56 1.82 11.38
N GLN A 393 -9.67 1.51 10.72
CA GLN A 393 -9.89 2.01 9.37
C GLN A 393 -9.87 3.53 9.34
N LYS A 394 -10.65 4.17 10.23
CA LYS A 394 -10.68 5.63 10.20
C LYS A 394 -9.33 6.22 10.51
N CYS A 395 -8.47 5.45 11.16
CA CYS A 395 -7.13 5.87 11.56
C CYS A 395 -6.11 5.68 10.45
N ASP A 396 -6.29 4.66 9.60
CA ASP A 396 -5.46 4.46 8.42
C ASP A 396 -6.40 4.29 7.23
N PRO A 397 -6.99 5.37 6.74
CA PRO A 397 -8.10 5.24 5.79
C PRO A 397 -7.64 4.79 4.41
N ALA A 398 -8.63 4.39 3.60
CA ALA A 398 -8.44 3.80 2.28
C ALA A 398 -9.53 4.28 1.33
N PRO A 399 -9.25 4.31 0.02
CA PRO A 399 -10.22 4.86 -0.92
C PRO A 399 -11.45 4.01 -1.14
N PHE A 400 -11.35 2.69 -0.99
CA PHE A 400 -12.53 1.86 -1.18
C PHE A 400 -12.49 0.69 -0.20
N TYR A 401 -13.68 0.14 0.06
CA TYR A 401 -13.83 -0.91 1.05
C TYR A 401 -14.76 -2.00 0.49
N LEU A 402 -14.47 -3.24 0.87
CA LEU A 402 -15.26 -4.41 0.51
C LEU A 402 -15.77 -5.07 1.78
N PHE A 403 -17.08 -5.03 2.00
CA PHE A 403 -17.72 -5.68 3.14
C PHE A 403 -18.51 -6.89 2.65
N ASP A 404 -18.08 -8.08 3.03
CA ASP A 404 -18.83 -9.32 2.77
C ASP A 404 -19.61 -9.65 4.03
N GLN A 405 -20.87 -9.21 4.08
CA GLN A 405 -21.82 -9.59 5.13
C GLN A 405 -21.26 -9.33 6.53
N ILE A 406 -20.81 -8.10 6.75
CA ILE A 406 -20.36 -7.70 8.07
C ILE A 406 -21.51 -7.40 9.02
N ASP A 407 -22.74 -7.34 8.51
CA ASP A 407 -23.94 -7.13 9.30
C ASP A 407 -24.60 -8.44 9.68
N GLN A 408 -23.93 -9.56 9.46
CA GLN A 408 -24.57 -10.87 9.52
C GLN A 408 -25.02 -11.20 10.94
N ALA A 409 -24.15 -11.00 11.92
CA ALA A 409 -24.39 -11.36 13.30
C ALA A 409 -24.96 -10.24 14.15
N LEU A 410 -25.50 -9.19 13.54
CA LEU A 410 -25.97 -8.02 14.28
C LEU A 410 -27.49 -7.98 14.36
N ASP A 411 -27.99 -7.43 15.47
CA ASP A 411 -29.42 -7.18 15.63
C ASP A 411 -29.91 -6.21 14.56
N ALA A 412 -31.22 -6.21 14.34
CA ALA A 412 -31.79 -5.28 13.38
C ALA A 412 -31.44 -3.84 13.73
N GLN A 413 -31.43 -3.52 15.03
CA GLN A 413 -31.10 -2.16 15.43
C GLN A 413 -29.67 -1.81 15.09
N HIS A 414 -28.75 -2.73 15.41
CA HIS A 414 -27.34 -2.43 15.19
C HIS A 414 -26.99 -2.45 13.71
N ARG A 415 -27.65 -3.28 12.90
CA ARG A 415 -27.48 -3.17 11.45
C ARG A 415 -27.92 -1.81 10.96
N LYS A 416 -28.97 -1.25 11.56
CA LYS A 416 -29.44 0.04 11.13
C LYS A 416 -28.42 1.13 11.47
N ALA A 417 -27.72 0.98 12.59
CA ALA A 417 -26.71 1.97 12.95
C ALA A 417 -25.49 1.87 12.05
N VAL A 418 -25.00 0.64 11.82
CA VAL A 418 -23.92 0.42 10.86
C VAL A 418 -24.31 0.95 9.50
N SER A 419 -25.58 0.77 9.11
CA SER A 419 -26.01 1.32 7.83
C SER A 419 -25.90 2.83 7.84
N ASP A 420 -26.29 3.47 8.95
CA ASP A 420 -26.20 4.91 9.04
C ASP A 420 -24.76 5.39 8.97
N MET A 421 -23.82 4.58 9.47
CA MET A 421 -22.43 5.00 9.43
C MET A 421 -21.86 4.91 8.00
N ILE A 422 -22.19 3.84 7.27
CA ILE A 422 -21.72 3.72 5.90
C ILE A 422 -22.26 4.85 5.05
N MET A 423 -23.47 5.33 5.35
CA MET A 423 -24.08 6.43 4.61
C MET A 423 -23.16 7.64 4.56
N GLU A 424 -22.56 7.98 5.69
CA GLU A 424 -21.67 9.12 5.81
C GLU A 424 -20.29 8.82 5.28
N LEU A 425 -19.78 7.62 5.57
CA LEU A 425 -18.49 7.22 5.05
C LEU A 425 -18.48 7.17 3.53
N ALA A 426 -19.59 6.75 2.93
CA ALA A 426 -19.63 6.61 1.49
C ALA A 426 -19.54 7.94 0.78
N VAL A 427 -19.68 9.05 1.50
CA VAL A 427 -19.44 10.37 0.93
C VAL A 427 -17.96 10.55 0.58
N HIS A 428 -17.05 9.80 1.21
CA HIS A 428 -15.61 9.99 1.04
C HIS A 428 -14.84 8.73 0.67
N ALA A 429 -15.48 7.58 0.56
CA ALA A 429 -14.84 6.38 0.05
C ALA A 429 -15.91 5.52 -0.62
N GLN A 430 -15.47 4.66 -1.52
CA GLN A 430 -16.37 3.75 -2.20
C GLN A 430 -16.54 2.51 -1.34
N PHE A 431 -17.74 1.94 -1.38
CA PHE A 431 -18.04 0.72 -0.64
C PHE A 431 -18.71 -0.27 -1.58
N ILE A 432 -18.26 -1.51 -1.50
CA ILE A 432 -18.86 -2.62 -2.25
C ILE A 432 -19.19 -3.68 -1.21
N THR A 433 -20.49 -3.88 -0.96
CA THR A 433 -20.95 -4.71 0.14
C THR A 433 -21.98 -5.74 -0.34
N THR A 434 -22.13 -6.81 0.45
CA THR A 434 -23.25 -7.74 0.33
C THR A 434 -23.97 -7.86 1.67
N THR A 435 -25.24 -8.24 1.59
CA THR A 435 -26.08 -8.42 2.77
C THR A 435 -27.28 -9.27 2.38
N PHE A 436 -27.86 -9.95 3.38
CA PHE A 436 -29.17 -10.57 3.19
C PHE A 436 -30.21 -9.96 4.12
N ARG A 437 -29.97 -8.76 4.62
CA ARG A 437 -30.84 -8.04 5.53
C ARG A 437 -30.97 -6.58 5.09
N PRO A 438 -32.19 -6.03 5.13
CA PRO A 438 -32.51 -4.85 4.33
C PRO A 438 -32.02 -3.53 4.89
N GLU A 439 -31.53 -3.47 6.12
CA GLU A 439 -30.98 -2.24 6.68
C GLU A 439 -29.93 -1.62 5.75
N LEU A 440 -28.87 -2.37 5.44
CA LEU A 440 -27.80 -1.83 4.60
C LEU A 440 -28.29 -1.40 3.22
N LEU A 441 -29.43 -1.93 2.76
CA LEU A 441 -29.94 -1.45 1.47
C LEU A 441 -30.30 0.02 1.54
N GLU A 442 -30.66 0.54 2.73
CA GLU A 442 -31.02 1.95 2.86
C GLU A 442 -29.84 2.89 2.59
N SER A 443 -28.61 2.47 2.90
CA SER A 443 -27.44 3.32 2.71
C SER A 443 -26.80 3.15 1.35
N ALA A 444 -27.45 2.43 0.44
CA ALA A 444 -26.81 2.07 -0.81
C ALA A 444 -27.14 3.08 -1.89
N ASP A 445 -26.27 3.13 -2.89
CA ASP A 445 -26.42 4.03 -4.02
C ASP A 445 -26.66 3.32 -5.35
N LYS A 446 -26.25 2.06 -5.45
CA LYS A 446 -26.44 1.29 -6.67
C LYS A 446 -26.51 -0.19 -6.26
N PHE A 447 -27.35 -0.94 -6.97
CA PHE A 447 -27.79 -2.26 -6.53
C PHE A 447 -27.49 -3.32 -7.58
N TYR A 448 -26.91 -4.44 -7.12
CA TYR A 448 -26.57 -5.58 -7.97
C TYR A 448 -27.16 -6.86 -7.39
N GLY A 449 -27.74 -7.68 -8.26
CA GLY A 449 -28.21 -8.99 -7.86
C GLY A 449 -27.47 -10.11 -8.54
N VAL A 450 -27.10 -11.13 -7.75
CA VAL A 450 -26.44 -12.32 -8.28
C VAL A 450 -27.50 -13.37 -8.56
N LYS A 451 -27.47 -13.93 -9.76
CA LYS A 451 -28.34 -15.05 -10.10
C LYS A 451 -27.46 -16.26 -10.46
N PHE A 452 -27.93 -17.43 -10.06
CA PHE A 452 -27.17 -18.67 -10.16
C PHE A 452 -28.04 -19.68 -10.88
N ARG A 453 -27.65 -20.08 -12.08
CA ARG A 453 -28.39 -21.13 -12.77
C ARG A 453 -27.44 -21.92 -13.66
N ASN A 454 -27.51 -23.25 -13.53
CA ASN A 454 -26.62 -24.19 -14.21
C ASN A 454 -25.24 -24.19 -13.58
N LYS A 455 -25.18 -23.92 -12.27
CA LYS A 455 -23.93 -23.80 -11.52
C LYS A 455 -23.03 -22.68 -12.04
N VAL A 456 -23.64 -21.66 -12.65
CA VAL A 456 -22.94 -20.53 -13.23
C VAL A 456 -23.51 -19.26 -12.59
N SER A 457 -22.65 -18.46 -11.96
CA SER A 457 -23.07 -17.19 -11.38
C SER A 457 -23.16 -16.12 -12.45
N HIS A 458 -24.16 -15.24 -12.31
CA HIS A 458 -24.30 -14.05 -13.12
C HIS A 458 -24.56 -12.86 -12.21
N ILE A 459 -24.29 -11.67 -12.70
CA ILE A 459 -24.50 -10.49 -11.88
C ILE A 459 -25.00 -9.34 -12.76
N ASP A 460 -26.01 -8.64 -12.27
CA ASP A 460 -26.81 -7.72 -13.05
C ASP A 460 -27.24 -6.58 -12.16
N VAL A 461 -27.37 -5.39 -12.75
CA VAL A 461 -27.88 -4.25 -12.00
C VAL A 461 -29.38 -4.38 -11.80
N ILE A 462 -29.83 -4.12 -10.57
CA ILE A 462 -31.25 -4.13 -10.24
C ILE A 462 -31.60 -2.77 -9.64
N THR A 463 -32.90 -2.55 -9.45
CA THR A 463 -33.34 -1.33 -8.81
C THR A 463 -33.35 -1.51 -7.30
N ALA A 464 -33.50 -0.40 -6.58
CA ALA A 464 -33.54 -0.49 -5.13
C ALA A 464 -34.77 -1.28 -4.67
N GLU A 465 -35.88 -1.17 -5.38
CA GLU A 465 -37.08 -1.87 -4.94
C GLU A 465 -36.94 -3.37 -5.15
N MET A 466 -36.37 -3.77 -6.27
CA MET A 466 -36.11 -5.20 -6.46
C MET A 466 -35.19 -5.70 -5.35
N ALA A 467 -34.16 -4.93 -5.01
CA ALA A 467 -33.22 -5.35 -3.97
C ALA A 467 -33.93 -5.50 -2.63
N LYS A 468 -34.77 -4.51 -2.27
CA LYS A 468 -35.49 -4.55 -1.01
C LYS A 468 -36.55 -5.64 -0.99
N ASP A 469 -37.25 -5.84 -2.12
CA ASP A 469 -38.24 -6.92 -2.22
C ASP A 469 -37.57 -8.29 -2.18
N PHE A 470 -36.48 -8.46 -2.92
CA PHE A 470 -35.80 -9.74 -2.91
C PHE A 470 -35.31 -10.09 -1.50
N VAL A 471 -34.68 -9.13 -0.82
CA VAL A 471 -34.13 -9.41 0.50
C VAL A 471 -35.23 -9.75 1.48
N GLU A 472 -36.41 -9.14 1.31
CA GLU A 472 -37.49 -9.26 2.29
C GLU A 472 -38.07 -10.67 2.31
N ASP A 473 -38.40 -11.22 1.15
CA ASP A 473 -39.06 -12.51 1.11
C ASP A 473 -38.18 -13.64 0.58
N ASP A 474 -36.87 -13.42 0.53
CA ASP A 474 -35.95 -14.53 0.35
C ASP A 474 -35.93 -15.39 1.62
N THR A 475 -35.92 -16.72 1.43
CA THR A 475 -35.88 -17.67 2.52
C THR A 475 -34.53 -18.39 2.65
N THR A 476 -33.61 -18.15 1.72
CA THR A 476 -32.43 -19.00 1.60
C THR A 476 -31.42 -18.79 2.72
N HIS A 477 -31.42 -17.64 3.37
CA HIS A 477 -30.44 -17.38 4.42
C HIS A 477 -31.05 -17.73 5.77
N GLY A 478 -30.31 -17.40 6.84
CA GLY A 478 -30.82 -17.53 8.19
C GLY A 478 -32.24 -17.01 8.40
N ALA B 4 -1.98 11.09 9.05
CA ALA B 4 -0.93 10.41 9.80
C ALA B 4 -0.27 9.28 8.98
N HIS B 5 -0.98 8.70 8.02
CA HIS B 5 -0.44 7.59 7.23
C HIS B 5 -0.20 7.96 5.77
N PHE B 6 -1.22 8.32 4.99
CA PHE B 6 -1.06 8.74 3.59
C PHE B 6 -1.18 10.25 3.55
N VAL B 7 -0.05 10.94 3.62
CA VAL B 7 -0.01 12.39 3.62
C VAL B 7 0.08 12.86 2.17
N LEU B 8 -0.90 13.68 1.76
CA LEU B 8 -0.84 14.64 0.64
C LEU B 8 -1.32 14.07 -0.69
N SER B 9 -1.53 12.75 -0.80
CA SER B 9 -1.68 12.03 -2.07
C SER B 9 -0.46 12.23 -2.98
N LYS B 10 0.61 12.85 -2.46
CA LYS B 10 1.90 13.04 -3.12
C LYS B 10 1.79 13.93 -4.35
N ARG B 11 2.83 13.92 -5.20
CA ARG B 11 3.16 15.02 -6.13
C ARG B 11 3.51 16.31 -5.38
N GLY B 12 3.97 16.17 -4.14
CA GLY B 12 4.47 17.27 -3.34
C GLY B 12 5.97 17.23 -3.15
N PRO B 13 6.45 17.50 -1.92
CA PRO B 13 7.90 17.51 -1.69
C PRO B 13 8.50 16.12 -1.47
N LEU B 14 7.83 15.30 -0.66
CA LEU B 14 8.26 13.93 -0.43
C LEU B 14 7.75 12.98 -1.48
N ALA B 15 7.29 13.49 -2.61
CA ALA B 15 6.62 12.66 -3.61
C ALA B 15 7.57 11.62 -4.18
N LYS B 16 8.73 12.07 -4.67
CA LYS B 16 9.67 11.14 -5.26
C LYS B 16 10.31 10.24 -4.20
N ILE B 17 10.39 10.71 -2.95
CA ILE B 17 10.87 9.84 -1.88
C ILE B 17 9.91 8.68 -1.70
N TRP B 18 8.61 8.99 -1.59
CA TRP B 18 7.60 7.96 -1.46
C TRP B 18 7.67 6.98 -2.62
N LEU B 19 7.95 7.48 -3.83
CA LEU B 19 8.04 6.59 -4.97
C LEU B 19 9.30 5.72 -4.91
N ALA B 20 10.42 6.31 -4.50
CA ALA B 20 11.63 5.51 -4.28
C ALA B 20 11.38 4.41 -3.27
N ALA B 21 10.53 4.66 -2.28
CA ALA B 21 10.32 3.70 -1.21
C ALA B 21 9.49 2.51 -1.65
N HIS B 22 8.69 2.65 -2.70
CA HIS B 22 7.80 1.58 -3.13
C HIS B 22 8.15 1.06 -4.50
N TRP B 23 8.06 1.88 -5.51
CA TRP B 23 8.23 1.39 -6.86
C TRP B 23 9.40 2.12 -7.53
N ASP B 24 10.61 1.93 -7.01
CA ASP B 24 11.77 2.66 -7.52
C ASP B 24 12.10 2.32 -8.95
N LYS B 25 11.51 1.24 -9.50
CA LYS B 25 11.57 1.01 -10.94
C LYS B 25 11.20 2.26 -11.72
N LYS B 26 10.17 2.96 -11.28
CA LYS B 26 9.62 4.10 -11.99
C LYS B 26 10.35 5.39 -11.66
N LEU B 27 11.45 5.30 -10.94
CA LEU B 27 12.27 6.45 -10.53
C LEU B 27 13.40 6.66 -11.54
N THR B 28 13.46 7.86 -12.14
CA THR B 28 14.35 8.12 -13.26
C THR B 28 15.66 8.81 -12.85
N LYS B 29 16.64 8.74 -13.75
CA LYS B 29 17.93 9.38 -13.50
C LYS B 29 17.76 10.88 -13.28
N ALA B 30 16.85 11.50 -14.02
CA ALA B 30 16.56 12.91 -13.77
C ALA B 30 16.05 13.11 -12.34
N HIS B 31 15.13 12.24 -11.89
CA HIS B 31 14.62 12.32 -10.53
C HIS B 31 15.75 12.22 -9.52
N VAL B 32 16.54 11.15 -9.62
CA VAL B 32 17.63 10.92 -8.68
C VAL B 32 18.57 12.13 -8.64
N PHE B 33 18.96 12.65 -9.80
CA PHE B 33 19.88 13.79 -9.82
C PHE B 33 19.27 15.01 -9.14
N GLU B 34 18.05 15.39 -9.52
CA GLU B 34 17.46 16.61 -8.99
C GLU B 34 16.92 16.45 -7.58
N CYS B 35 16.92 15.25 -7.01
CA CYS B 35 16.46 15.07 -5.63
C CYS B 35 17.45 15.71 -4.66
N ASN B 36 16.95 16.58 -3.81
CA ASN B 36 17.78 17.21 -2.78
C ASN B 36 17.60 16.44 -1.47
N LEU B 37 18.63 15.69 -1.08
CA LEU B 37 18.47 14.77 0.05
C LEU B 37 18.28 15.51 1.35
N GLU B 38 18.85 16.71 1.50
CA GLU B 38 18.82 17.37 2.80
C GLU B 38 17.50 18.08 3.06
N SER B 39 16.86 18.64 2.04
CA SER B 39 15.51 19.16 2.27
C SER B 39 14.47 18.05 2.34
N SER B 40 14.73 16.92 1.68
CA SER B 40 13.88 15.75 1.87
C SER B 40 13.93 15.27 3.31
N VAL B 41 15.14 15.13 3.87
CA VAL B 41 15.27 14.73 5.26
C VAL B 41 14.62 15.76 6.17
N GLU B 42 14.74 17.05 5.83
CA GLU B 42 14.19 18.09 6.69
C GLU B 42 12.68 18.01 6.75
N SER B 43 12.02 17.70 5.64
CA SER B 43 10.57 17.64 5.71
C SER B 43 10.08 16.32 6.29
N ILE B 44 10.96 15.36 6.54
CA ILE B 44 10.59 14.14 7.27
C ILE B 44 10.77 14.32 8.77
N ILE B 45 11.91 14.89 9.20
CA ILE B 45 12.21 15.05 10.62
C ILE B 45 11.31 16.09 11.28
N SER B 46 10.70 16.98 10.51
CA SER B 46 9.71 17.92 11.04
C SER B 46 8.67 18.22 9.99
N PRO B 47 7.66 17.36 9.87
CA PRO B 47 6.55 17.61 8.94
C PRO B 47 5.45 18.46 9.55
N LYS B 48 4.55 18.92 8.67
CA LYS B 48 3.39 19.69 9.12
C LYS B 48 2.56 18.90 10.13
N VAL B 49 2.19 17.67 9.78
CA VAL B 49 1.49 16.75 10.67
C VAL B 49 2.45 15.63 11.05
N LYS B 50 2.39 15.19 12.30
CA LYS B 50 3.17 14.02 12.71
C LYS B 50 2.72 12.80 11.92
N MET B 51 3.68 12.04 11.43
CA MET B 51 3.39 10.90 10.57
C MET B 51 3.71 9.60 11.31
N ALA B 52 3.01 8.54 10.91
CA ALA B 52 3.09 7.26 11.60
C ALA B 52 4.44 6.58 11.34
N LEU B 53 4.86 5.78 12.33
CA LEU B 53 6.09 5.00 12.22
C LEU B 53 6.16 4.21 10.92
N ARG B 54 5.02 3.74 10.43
CA ARG B 54 5.03 3.07 9.14
C ARG B 54 5.45 4.01 8.02
N THR B 55 4.91 5.24 8.01
CA THR B 55 5.21 6.17 6.93
C THR B 55 6.66 6.62 6.96
N SER B 56 7.18 6.95 8.15
CA SER B 56 8.57 7.33 8.27
C SER B 56 9.49 6.19 7.89
N GLY B 57 9.09 4.95 8.15
CA GLY B 57 9.92 3.82 7.77
C GLY B 57 10.07 3.70 6.27
N HIS B 58 8.96 3.83 5.53
CA HIS B 58 9.05 3.85 4.08
C HIS B 58 9.94 4.98 3.60
N LEU B 59 9.71 6.19 4.12
CA LEU B 59 10.42 7.37 3.63
C LEU B 59 11.91 7.24 3.87
N LEU B 60 12.30 6.67 5.01
CA LEU B 60 13.70 6.42 5.28
C LEU B 60 14.34 5.61 4.16
N LEU B 61 13.69 4.51 3.78
CA LEU B 61 14.18 3.75 2.63
C LEU B 61 14.12 4.56 1.35
N GLY B 62 13.12 5.43 1.19
CA GLY B 62 13.09 6.29 0.03
C GLY B 62 14.37 7.10 -0.06
N VAL B 63 14.69 7.80 1.03
CA VAL B 63 15.85 8.68 1.03
C VAL B 63 17.13 7.88 0.79
N VAL B 64 17.27 6.72 1.44
CA VAL B 64 18.49 5.94 1.27
C VAL B 64 18.58 5.38 -0.14
N ARG B 65 17.46 5.01 -0.75
CA ARG B 65 17.49 4.46 -2.10
C ARG B 65 17.93 5.50 -3.13
N ILE B 66 17.38 6.72 -3.03
CA ILE B 66 17.84 7.77 -3.94
C ILE B 66 19.31 8.06 -3.73
N TYR B 67 19.74 8.15 -2.48
CA TYR B 67 21.14 8.36 -2.16
C TYR B 67 22.03 7.27 -2.75
N HIS B 68 21.60 6.01 -2.66
CA HIS B 68 22.36 4.92 -3.28
C HIS B 68 22.43 5.09 -4.81
N ARG B 69 21.36 5.58 -5.44
CA ARG B 69 21.43 5.77 -6.89
C ARG B 69 22.32 6.94 -7.28
N LYS B 70 22.38 7.99 -6.46
CA LYS B 70 23.33 9.07 -6.73
C LYS B 70 24.75 8.54 -6.75
N ALA B 71 25.09 7.70 -5.76
CA ALA B 71 26.42 7.11 -5.72
C ALA B 71 26.66 6.24 -6.94
N LYS B 72 25.66 5.44 -7.32
CA LYS B 72 25.78 4.57 -8.47
C LYS B 72 26.16 5.35 -9.73
N TYR B 73 25.48 6.48 -9.96
CA TYR B 73 25.78 7.29 -11.14
C TYR B 73 27.15 7.96 -11.00
N LEU B 74 27.45 8.53 -9.83
CA LEU B 74 28.73 9.19 -9.62
C LEU B 74 29.89 8.23 -9.83
N LEU B 75 29.75 7.01 -9.33
CA LEU B 75 30.75 5.97 -9.58
C LEU B 75 30.89 5.71 -11.07
N ALA B 76 29.79 5.40 -11.74
CA ALA B 76 29.83 5.18 -13.18
C ALA B 76 30.53 6.32 -13.90
N ASP B 77 30.20 7.55 -13.52
CA ASP B 77 30.75 8.72 -14.18
C ASP B 77 32.24 8.87 -13.87
N CYS B 78 32.65 8.55 -12.65
CA CYS B 78 34.07 8.64 -12.31
C CYS B 78 34.90 7.60 -13.05
N ASN B 79 34.38 6.38 -13.17
CA ASN B 79 35.06 5.37 -13.96
C ASN B 79 35.16 5.81 -15.41
N GLU B 80 34.12 6.47 -15.92
CA GLU B 80 34.16 6.89 -17.31
C GLU B 80 35.07 8.10 -17.50
N ALA B 81 35.18 9.00 -16.50
CA ALA B 81 36.11 10.11 -16.61
C ALA B 81 37.55 9.65 -16.50
N PHE B 82 37.81 8.61 -15.70
CA PHE B 82 39.18 8.15 -15.53
C PHE B 82 39.64 7.39 -16.77
N ILE B 83 38.74 6.62 -17.38
CA ILE B 83 39.08 5.97 -18.65
C ILE B 83 39.34 7.02 -19.73
N LYS B 84 38.55 8.09 -19.75
CA LYS B 84 38.68 9.07 -20.81
C LYS B 84 40.05 9.73 -20.77
N ILE B 85 40.57 9.99 -19.56
CA ILE B 85 41.87 10.64 -19.45
C ILE B 85 42.98 9.69 -19.89
N LYS B 86 42.92 8.43 -19.43
CA LYS B 86 43.90 7.44 -19.86
C LYS B 86 43.91 7.29 -21.37
N MET B 87 42.72 7.33 -21.99
CA MET B 87 42.64 7.22 -23.43
C MET B 87 43.23 8.42 -24.14
N ALA B 88 43.00 9.64 -23.60
CA ALA B 88 43.52 10.83 -24.24
C ALA B 88 45.05 10.88 -24.23
N PHE B 89 45.70 10.17 -23.29
CA PHE B 89 47.15 10.11 -23.29
C PHE B 89 47.69 9.45 -24.57
N ARG B 90 46.98 8.46 -25.10
CA ARG B 90 47.46 7.65 -26.22
C ARG B 90 46.88 8.08 -27.56
S SO4 C . -22.79 -16.84 -1.36
O1 SO4 C . -22.07 -18.17 -1.33
O2 SO4 C . -21.81 -15.82 -0.84
O3 SO4 C . -23.36 -16.57 -2.74
O4 SO4 C . -24.02 -16.75 -0.48
S SO4 D . 10.65 -7.48 -9.25
O1 SO4 D . 11.08 -6.56 -8.12
O2 SO4 D . 11.14 -6.98 -10.59
O3 SO4 D . 10.97 -8.94 -8.95
O4 SO4 D . 9.15 -7.55 -9.31
S SO4 E . 6.57 -12.92 -10.45
O1 SO4 E . 5.46 -13.86 -10.00
O2 SO4 E . 6.21 -12.26 -11.77
O3 SO4 E . 6.89 -11.86 -9.40
O4 SO4 E . 7.89 -13.65 -10.53
C1 GOL F . -14.47 -16.52 6.56
O1 GOL F . -15.07 -15.25 6.74
C2 GOL F . -12.95 -16.32 6.20
O2 GOL F . -12.09 -17.24 6.87
C3 GOL F . -12.89 -16.49 4.63
O3 GOL F . -12.56 -15.23 4.07
#